data_4WAL
#
_entry.id   4WAL
#
_cell.length_a   81.952
_cell.length_b   81.952
_cell.length_c   51.495
_cell.angle_alpha   90.00
_cell.angle_beta   90.00
_cell.angle_gamma   90.00
#
_symmetry.space_group_name_H-M   'P 4 2 2'
#
loop_
_entity.id
_entity.type
_entity.pdbx_description
1 polymer 'Branchpoint-bridging protein'
2 polymer "RNA (5'-R(P*UP*AP*CP*UP*AP*AP*CP*A)-3')"
3 non-polymer 'SULFATE ION'
4 non-polymer GLYCEROL
5 non-polymer 'CHLORIDE ION'
6 water water
#
loop_
_entity_poly.entity_id
_entity_poly.type
_entity_poly.pdbx_seq_one_letter_code
_entity_poly.pdbx_strand_id
1 'polypeptide(L)'
;SRPTKFQDKYYIPVDQYPDVNFVGLLLGPRGRTLRKLQEDSNCKIAIRGRGSVKEGKNASDLPPGA(MSE)NFEDPLHCL
I(MSE)ADSEDK(MSE)QKGIKVCQNI(MSE)IKAVTSPEGQNDLKRGQLRELAELNGTLREDNR
;
A
2 'polyribonucleotide' UAUACUAACAA B
#
loop_
_chem_comp.id
_chem_comp.type
_chem_comp.name
_chem_comp.formula
A RNA linking ADENOSINE-5'-MONOPHOSPHATE 'C10 H14 N5 O7 P'
C RNA linking CYTIDINE-5'-MONOPHOSPHATE 'C9 H14 N3 O8 P'
CL non-polymer 'CHLORIDE ION' 'Cl -1'
GOL non-polymer GLYCEROL 'C3 H8 O3'
SO4 non-polymer 'SULFATE ION' 'O4 S -2'
U RNA linking URIDINE-5'-MONOPHOSPHATE 'C9 H13 N2 O9 P'
#
# COMPACT_ATOMS: atom_id res chain seq x y z
N PRO A 3 1.01 5.87 16.48
CA PRO A 3 0.55 5.37 17.79
C PRO A 3 1.67 4.88 18.70
N THR A 4 2.48 3.95 18.19
CA THR A 4 3.70 3.45 18.85
C THR A 4 3.48 2.57 20.09
N LYS A 5 2.27 2.53 20.63
CA LYS A 5 2.01 1.65 21.78
C LYS A 5 1.71 0.23 21.26
N PHE A 6 0.89 0.15 20.21
CA PHE A 6 0.54 -1.11 19.58
C PHE A 6 0.98 -1.16 18.13
N GLN A 7 1.73 -2.20 17.79
CA GLN A 7 2.23 -2.31 16.44
C GLN A 7 2.19 -3.76 15.96
N ASP A 8 1.90 -3.95 14.68
CA ASP A 8 1.86 -5.29 14.12
C ASP A 8 2.33 -5.27 12.67
N LYS A 9 2.81 -6.40 12.17
CA LYS A 9 3.17 -6.51 10.76
C LYS A 9 2.14 -7.31 9.99
N TYR A 10 1.64 -6.78 8.88
CA TYR A 10 0.77 -7.54 8.00
C TYR A 10 1.57 -7.92 6.74
N TYR A 11 1.91 -9.20 6.60
CA TYR A 11 2.73 -9.67 5.50
C TYR A 11 1.96 -9.77 4.18
N ILE A 12 2.53 -9.21 3.13
CA ILE A 12 1.89 -9.22 1.82
C ILE A 12 2.22 -10.51 1.08
N PRO A 13 1.21 -11.13 0.45
CA PRO A 13 1.44 -12.45 -0.14
C PRO A 13 2.20 -12.37 -1.46
N VAL A 14 3.47 -11.97 -1.40
CA VAL A 14 4.29 -11.77 -2.58
CA VAL A 14 4.26 -11.77 -2.61
C VAL A 14 4.63 -13.09 -3.27
N ASP A 15 4.94 -14.12 -2.48
CA ASP A 15 5.35 -15.41 -3.08
C ASP A 15 4.23 -16.04 -3.88
N GLN A 16 3.00 -15.84 -3.41
CA GLN A 16 1.83 -16.43 -4.04
C GLN A 16 1.43 -15.62 -5.26
N TYR A 17 1.69 -14.32 -5.18
CA TYR A 17 1.36 -13.39 -6.26
C TYR A 17 2.56 -12.52 -6.63
N PRO A 18 3.57 -13.13 -7.26
CA PRO A 18 4.83 -12.39 -7.44
C PRO A 18 4.78 -11.27 -8.48
N ASP A 19 3.71 -11.23 -9.26
N ASP A 19 3.73 -11.24 -9.29
CA ASP A 19 3.60 -10.24 -10.32
CA ASP A 19 3.60 -10.20 -10.30
C ASP A 19 2.80 -9.00 -9.89
C ASP A 19 2.27 -9.44 -10.17
N VAL A 20 1.91 -9.19 -8.93
CA VAL A 20 0.89 -8.22 -8.60
C VAL A 20 1.56 -7.04 -7.93
N ASN A 21 1.22 -5.83 -8.35
CA ASN A 21 1.80 -4.62 -7.76
C ASN A 21 0.95 -4.17 -6.57
N PHE A 22 1.20 -4.80 -5.43
CA PHE A 22 0.49 -4.47 -4.18
C PHE A 22 0.90 -3.11 -3.65
N VAL A 23 2.18 -2.80 -3.76
CA VAL A 23 2.66 -1.55 -3.19
C VAL A 23 2.01 -0.35 -3.88
N GLY A 24 1.96 -0.38 -5.21
CA GLY A 24 1.30 0.69 -5.93
C GLY A 24 -0.18 0.84 -5.62
N LEU A 25 -0.88 -0.28 -5.42
CA LEU A 25 -2.30 -0.25 -5.14
C LEU A 25 -2.56 0.29 -3.74
N LEU A 26 -1.67 -0.02 -2.81
CA LEU A 26 -1.77 0.53 -1.45
C LEU A 26 -1.47 2.03 -1.37
N LEU A 27 -0.44 2.48 -2.07
CA LEU A 27 0.00 3.88 -1.95
C LEU A 27 -0.92 4.82 -2.71
N GLY A 28 -1.22 4.48 -3.97
CA GLY A 28 -2.01 5.36 -4.82
C GLY A 28 -1.20 6.52 -5.36
N PRO A 29 -1.83 7.38 -6.19
CA PRO A 29 -1.06 8.53 -6.68
C PRO A 29 -0.64 9.43 -5.51
N ARG A 30 0.63 9.80 -5.49
CA ARG A 30 1.21 10.64 -4.43
C ARG A 30 1.01 10.07 -3.01
N GLY A 31 0.75 8.79 -2.89
CA GLY A 31 0.59 8.20 -1.57
C GLY A 31 -0.78 8.51 -0.99
N ARG A 32 -1.66 9.07 -1.81
CA ARG A 32 -2.98 9.50 -1.33
C ARG A 32 -3.88 8.36 -0.87
N THR A 33 -3.75 7.18 -1.47
CA THR A 33 -4.60 6.08 -1.04
C THR A 33 -4.18 5.61 0.37
N LEU A 34 -2.89 5.56 0.63
CA LEU A 34 -2.43 5.09 1.92
C LEU A 34 -2.81 6.08 3.01
N ARG A 35 -2.75 7.37 2.70
CA ARG A 35 -3.13 8.34 3.72
CA ARG A 35 -3.13 8.38 3.68
C ARG A 35 -4.61 8.26 4.03
N LYS A 36 -5.45 7.98 3.03
CA LYS A 36 -6.86 7.73 3.33
C LYS A 36 -7.06 6.48 4.19
N LEU A 37 -6.30 5.42 3.94
CA LEU A 37 -6.44 4.20 4.74
C LEU A 37 -6.09 4.49 6.19
N GLN A 38 -5.10 5.34 6.41
CA GLN A 38 -4.69 5.72 7.75
C GLN A 38 -5.78 6.50 8.47
N GLU A 39 -6.50 7.35 7.74
CA GLU A 39 -7.62 8.07 8.34
C GLU A 39 -8.77 7.13 8.59
N ASP A 40 -9.00 6.19 7.67
CA ASP A 40 -10.03 5.17 7.86
C ASP A 40 -9.82 4.40 9.16
N SER A 41 -8.59 4.00 9.41
CA SER A 41 -8.31 3.09 10.51
C SER A 41 -7.86 3.77 11.78
N ASN A 42 -7.52 5.06 11.69
CA ASN A 42 -6.89 5.79 12.79
C ASN A 42 -5.55 5.19 13.21
N CYS A 43 -4.77 4.79 12.21
CA CYS A 43 -3.48 4.15 12.40
C CYS A 43 -2.40 4.90 11.64
N LYS A 44 -1.15 4.74 12.03
CA LYS A 44 -0.07 5.07 11.13
C LYS A 44 0.28 3.77 10.41
N ILE A 45 0.40 3.83 9.09
CA ILE A 45 0.74 2.64 8.31
C ILE A 45 1.96 2.91 7.47
N ALA A 46 2.96 2.04 7.52
CA ALA A 46 4.13 2.18 6.66
C ALA A 46 4.34 0.92 5.86
N ILE A 47 4.77 1.06 4.61
CA ILE A 47 5.13 -0.11 3.83
C ILE A 47 6.63 -0.34 3.96
N ARG A 48 7.01 -1.53 4.43
CA ARG A 48 8.37 -1.83 4.84
C ARG A 48 8.80 -3.20 4.36
N GLY A 49 10.08 -3.49 4.47
CA GLY A 49 10.60 -4.80 4.14
C GLY A 49 11.11 -4.88 2.71
N ARG A 50 11.56 -6.08 2.35
CA ARG A 50 12.12 -6.36 1.03
CA ARG A 50 12.13 -6.33 1.04
C ARG A 50 11.14 -5.95 -0.05
N GLY A 51 11.59 -5.11 -0.98
CA GLY A 51 10.77 -4.65 -2.08
C GLY A 51 9.93 -3.41 -1.85
N SER A 52 10.05 -2.79 -0.67
CA SER A 52 9.24 -1.62 -0.35
C SER A 52 9.88 -0.33 -0.86
N VAL A 53 11.09 -0.44 -1.37
CA VAL A 53 11.83 0.71 -1.85
C VAL A 53 12.28 0.48 -3.28
N LYS A 54 11.93 1.41 -4.17
CA LYS A 54 12.38 1.34 -5.56
C LYS A 54 13.89 1.28 -5.60
N GLU A 55 14.46 0.41 -6.43
CA GLU A 55 15.89 0.44 -6.66
C GLU A 55 16.20 1.58 -7.62
N GLY A 56 16.96 2.58 -7.17
CA GLY A 56 17.41 2.70 -5.80
C GLY A 56 17.15 4.14 -5.37
N LYS A 57 16.33 4.33 -4.33
CA LYS A 57 15.89 5.66 -3.93
C LYS A 57 16.94 6.40 -3.11
N ASN A 58 16.77 7.72 -2.99
CA ASN A 58 17.66 8.57 -2.20
C ASN A 58 17.56 8.26 -0.71
N ALA A 59 18.30 7.23 -0.28
CA ALA A 59 18.26 6.72 1.09
C ALA A 59 18.35 7.80 2.18
N SER A 60 19.20 8.80 1.97
CA SER A 60 19.34 9.89 2.91
C SER A 60 18.05 10.72 3.06
N ASP A 61 17.08 10.47 2.18
CA ASP A 61 15.79 11.15 2.25
C ASP A 61 14.66 10.25 2.77
N LEU A 62 15.03 9.12 3.39
CA LEU A 62 14.05 8.15 3.87
C LEU A 62 13.88 8.18 5.39
N PRO A 63 12.66 7.96 5.88
CA PRO A 63 12.34 7.89 7.30
C PRO A 63 13.10 6.77 8.01
N PRO A 64 13.26 6.86 9.33
CA PRO A 64 13.91 5.80 10.10
C PRO A 64 13.25 4.43 9.89
N GLY A 65 14.08 3.40 9.73
CA GLY A 65 13.61 2.03 9.61
C GLY A 65 13.26 1.60 8.20
N ALA A 66 13.20 2.56 7.28
CA ALA A 66 12.78 2.29 5.91
C ALA A 66 13.80 1.50 5.12
N MSE A 67 15.04 1.46 5.59
CA MSE A 67 16.11 0.80 4.85
C MSE A 67 16.42 -0.57 5.43
O MSE A 67 17.42 -1.18 5.08
CB MSE A 67 17.37 1.69 4.83
CG MSE A 67 17.27 2.88 3.88
SE MSE A 67 17.15 2.35 1.99
CE MSE A 67 18.92 1.56 1.79
N ASN A 68 15.57 -1.05 6.34
CA ASN A 68 15.73 -2.40 6.85
C ASN A 68 14.98 -3.40 5.98
N PHE A 69 15.70 -4.22 5.23
CA PHE A 69 15.05 -5.15 4.32
C PHE A 69 15.16 -6.58 4.79
N GLU A 70 15.34 -6.78 6.09
CA GLU A 70 15.46 -8.13 6.62
C GLU A 70 14.16 -8.93 6.50
N ASP A 71 13.03 -8.26 6.67
CA ASP A 71 11.73 -8.94 6.61
C ASP A 71 11.12 -8.92 5.23
N PRO A 72 10.22 -9.87 4.95
CA PRO A 72 9.49 -9.78 3.68
C PRO A 72 8.57 -8.56 3.71
N LEU A 73 8.15 -8.15 2.52
CA LEU A 73 7.26 -7.02 2.34
C LEU A 73 6.06 -7.10 3.30
N HIS A 74 5.82 -6.04 4.05
CA HIS A 74 4.69 -6.00 4.98
C HIS A 74 4.16 -4.58 5.17
N CYS A 75 2.93 -4.46 5.62
CA CYS A 75 2.47 -3.20 6.19
C CYS A 75 2.79 -3.20 7.67
N LEU A 76 3.44 -2.15 8.12
CA LEU A 76 3.70 -1.97 9.53
C LEU A 76 2.61 -1.07 10.04
N ILE A 77 1.81 -1.59 10.96
CA ILE A 77 0.65 -0.87 11.46
C ILE A 77 0.91 -0.44 12.90
N MSE A 78 0.71 0.85 13.17
CA MSE A 78 1.02 1.41 14.49
C MSE A 78 -0.18 2.21 14.98
O MSE A 78 -0.66 3.08 14.26
CB MSE A 78 2.28 2.28 14.44
CG MSE A 78 3.53 1.56 13.92
SE MSE A 78 4.87 2.80 13.17
CE MSE A 78 4.15 2.90 11.33
N ALA A 79 -0.64 1.92 16.19
CA ALA A 79 -1.82 2.58 16.75
C ALA A 79 -1.63 2.71 18.25
N ASP A 80 -2.52 3.42 18.94
CA ASP A 80 -2.36 3.51 20.38
C ASP A 80 -3.49 2.83 21.13
N SER A 81 -4.13 1.88 20.45
CA SER A 81 -5.05 0.94 21.09
C SER A 81 -5.07 -0.32 20.23
N GLU A 82 -5.40 -1.44 20.85
CA GLU A 82 -5.45 -2.71 20.16
C GLU A 82 -6.57 -2.71 19.12
N ASP A 83 -7.66 -2.02 19.43
CA ASP A 83 -8.79 -1.92 18.50
C ASP A 83 -8.44 -1.17 17.24
N LYS A 84 -7.70 -0.08 17.40
CA LYS A 84 -7.29 0.69 16.23
C LYS A 84 -6.32 -0.15 15.41
N MSE A 85 -5.39 -0.82 16.07
CA MSE A 85 -4.41 -1.63 15.37
C MSE A 85 -5.10 -2.70 14.54
O MSE A 85 -4.75 -2.94 13.37
CB MSE A 85 -3.44 -2.29 16.36
CG MSE A 85 -2.26 -3.02 15.70
SE MSE A 85 -1.49 -4.33 16.92
CE MSE A 85 -3.00 -5.56 17.10
N GLN A 86 -6.14 -3.32 15.10
CA GLN A 86 -6.88 -4.33 14.36
C GLN A 86 -7.66 -3.74 13.19
N LYS A 87 -8.17 -2.52 13.34
CA LYS A 87 -8.83 -1.89 12.20
C LYS A 87 -7.82 -1.56 11.09
N GLY A 88 -6.60 -1.24 11.48
CA GLY A 88 -5.55 -0.99 10.52
C GLY A 88 -5.19 -2.25 9.73
N ILE A 89 -5.10 -3.38 10.43
CA ILE A 89 -4.86 -4.65 9.73
C ILE A 89 -5.99 -4.96 8.75
N LYS A 90 -7.21 -4.68 9.19
CA LYS A 90 -8.40 -4.92 8.40
C LYS A 90 -8.38 -4.15 7.10
N VAL A 91 -8.04 -2.87 7.13
CA VAL A 91 -8.12 -2.09 5.90
C VAL A 91 -6.98 -2.44 4.94
N CYS A 92 -5.85 -2.90 5.47
CA CYS A 92 -4.77 -3.38 4.60
C CYS A 92 -5.18 -4.70 3.94
N GLN A 93 -5.75 -5.59 4.74
CA GLN A 93 -6.22 -6.87 4.24
C GLN A 93 -7.28 -6.70 3.17
N ASN A 94 -8.17 -5.72 3.37
CA ASN A 94 -9.16 -5.35 2.36
C ASN A 94 -8.51 -5.08 1.01
N ILE A 95 -7.43 -4.31 1.02
CA ILE A 95 -6.78 -3.93 -0.21
C ILE A 95 -6.11 -5.14 -0.85
N MSE A 96 -5.43 -5.95 -0.04
CA MSE A 96 -4.80 -7.17 -0.53
C MSE A 96 -5.81 -8.10 -1.19
O MSE A 96 -5.56 -8.65 -2.26
CB MSE A 96 -4.09 -7.89 0.62
CG MSE A 96 -2.54 -7.82 0.53
SE MSE A 96 -1.82 -6.10 0.04
CE MSE A 96 -1.89 -5.22 1.76
N ILE A 97 -6.95 -8.25 -0.56
CA ILE A 97 -8.03 -9.09 -1.08
C ILE A 97 -8.57 -8.53 -2.39
N LYS A 98 -8.73 -7.22 -2.42
CA LYS A 98 -9.19 -6.54 -3.62
C LYS A 98 -8.23 -6.80 -4.78
N ALA A 99 -6.94 -6.79 -4.50
CA ALA A 99 -5.94 -6.99 -5.56
C ALA A 99 -6.01 -8.39 -6.17
N VAL A 100 -6.34 -9.37 -5.34
CA VAL A 100 -6.25 -10.77 -5.75
CA VAL A 100 -6.26 -10.77 -5.73
C VAL A 100 -7.59 -11.31 -6.27
N THR A 101 -8.70 -10.78 -5.79
CA THR A 101 -10.01 -11.31 -6.17
C THR A 101 -10.78 -10.46 -7.18
N SER A 102 -10.25 -9.30 -7.55
CA SER A 102 -10.91 -8.50 -8.58
C SER A 102 -10.76 -9.18 -9.93
N PRO A 103 -11.89 -9.53 -10.56
CA PRO A 103 -11.85 -10.06 -11.92
C PRO A 103 -11.20 -9.04 -12.85
N GLU A 104 -10.46 -9.51 -13.85
CA GLU A 104 -9.66 -8.64 -14.70
C GLU A 104 -10.48 -7.46 -15.24
N GLY A 105 -9.98 -6.23 -14.99
CA GLY A 105 -10.68 -5.02 -15.38
C GLY A 105 -11.76 -4.52 -14.42
N GLN A 106 -12.00 -5.21 -13.32
CA GLN A 106 -13.05 -4.80 -12.40
C GLN A 106 -12.53 -4.24 -11.05
N ASN A 107 -11.24 -3.92 -10.99
CA ASN A 107 -10.69 -3.28 -9.80
C ASN A 107 -10.92 -1.77 -9.85
N ASP A 108 -12.04 -1.35 -9.27
CA ASP A 108 -12.47 0.04 -9.28
C ASP A 108 -11.49 0.98 -8.60
N LEU A 109 -10.90 0.54 -7.50
CA LEU A 109 -9.90 1.35 -6.79
C LEU A 109 -8.76 1.68 -7.75
N LYS A 110 -8.26 0.66 -8.43
CA LYS A 110 -7.11 0.84 -9.30
C LYS A 110 -7.47 1.71 -10.52
N ARG A 111 -8.67 1.54 -11.06
CA ARG A 111 -9.09 2.35 -12.19
C ARG A 111 -9.10 3.82 -11.78
N GLY A 112 -9.71 4.11 -10.63
CA GLY A 112 -9.74 5.47 -10.12
C GLY A 112 -8.35 6.05 -9.87
N GLN A 113 -7.46 5.25 -9.31
CA GLN A 113 -6.07 5.66 -9.08
C GLN A 113 -5.33 6.05 -10.35
N LEU A 114 -5.46 5.21 -11.37
CA LEU A 114 -4.78 5.46 -12.63
C LEU A 114 -5.38 6.69 -13.35
N ARG A 115 -6.67 6.89 -13.16
CA ARG A 115 -7.33 8.06 -13.73
C ARG A 115 -6.81 9.34 -13.07
N GLU A 116 -6.84 9.37 -11.74
CA GLU A 116 -6.29 10.47 -10.96
C GLU A 116 -4.82 10.73 -11.26
N LEU A 117 -4.04 9.67 -11.38
CA LEU A 117 -2.64 9.80 -11.79
C LEU A 117 -2.51 10.54 -13.12
N ALA A 118 -3.35 10.17 -14.09
CA ALA A 118 -3.28 10.78 -15.41
C ALA A 118 -3.60 12.27 -15.33
N GLU A 119 -4.54 12.66 -14.46
CA GLU A 119 -4.85 14.08 -14.22
C GLU A 119 -3.61 14.82 -13.77
N LEU A 120 -2.95 14.28 -12.75
CA LEU A 120 -1.75 14.90 -12.20
C LEU A 120 -0.67 15.05 -13.27
N ASN A 121 -0.53 14.06 -14.15
CA ASN A 121 0.50 14.08 -15.19
C ASN A 121 0.03 14.76 -16.48
N GLY A 122 -1.21 15.20 -16.50
CA GLY A 122 -1.78 15.89 -17.64
C GLY A 122 -1.92 15.00 -18.86
N THR A 123 -2.17 13.72 -18.65
CA THR A 123 -2.23 12.76 -19.75
C THR A 123 -3.59 12.07 -19.84
N LEU A 124 -4.60 12.64 -19.17
CA LEU A 124 -5.92 12.04 -19.15
C LEU A 124 -6.56 11.89 -20.54
N ARG A 125 -7.09 10.71 -20.81
CA ARG A 125 -7.88 10.50 -22.02
C ARG A 125 -9.19 9.83 -21.66
N GLU A 126 -10.25 10.13 -22.39
CA GLU A 126 -11.55 9.51 -22.11
C GLU A 126 -12.13 8.83 -23.35
N ASP A 127 -11.28 8.13 -24.11
CA ASP A 127 -11.71 7.49 -25.35
C ASP A 127 -11.64 5.95 -25.28
N ASN A 128 -12.00 5.30 -26.39
CA ASN A 128 -12.09 3.84 -26.46
C ASN A 128 -10.90 3.18 -27.12
N ARG A 129 -10.00 3.97 -27.70
CA ARG A 129 -8.84 3.45 -28.38
C ARG A 129 -7.75 3.02 -27.38
S SO4 C . -0.69 15.83 -2.18
O1 SO4 C . -1.41 16.50 -1.11
O2 SO4 C . -0.97 16.48 -3.44
O3 SO4 C . -1.13 14.44 -2.23
O4 SO4 C . 0.74 15.90 -1.92
C1 GOL D . -8.64 -8.97 11.42
O1 GOL D . -8.03 -8.17 12.40
C2 GOL D . -10.13 -9.10 11.76
O2 GOL D . -10.41 -8.27 12.87
C3 GOL D . -10.98 -8.62 10.58
O3 GOL D . -11.08 -9.61 9.59
CL CL E . -11.22 11.98 -29.51
#